data_4Z1S
#
_entry.id   4Z1S
#
_cell.length_a   30.376
_cell.length_b   39.508
_cell.length_c   57.358
_cell.angle_alpha   82.600
_cell.angle_beta   75.430
_cell.angle_gamma   90.000
#
_symmetry.space_group_name_H-M   'P 1'
#
loop_
_entity.id
_entity.type
_entity.pdbx_description
1 polymer 'Bromodomain-containing protein 4'
2 non-polymer 5-[(4S)-6-(4-chlorophenyl)-1,4-dimethyl-5,6-dihydro-4H-[1,2,4]triazolo[4,3-a][1,5]benzodiazepin-8-yl]pyridin-2-amine
3 water water
#
_entity_poly.entity_id   1
_entity_poly.type   'polypeptide(L)'
_entity_poly.pdbx_seq_one_letter_code
;GSTNPPPPETSNPNKPKRQTNQLQYLLRVVLKTLWKHQFAWPFQQPVDAVKLNLPDYYKIIKTPMDMGTIKKRLENNYYW
NAQECIQDFNTMFTNCYIYNKPGDDIVLMAEALEKLFLQKINELPT
;
_entity_poly.pdbx_strand_id   A,B
#
loop_
_chem_comp.id
_chem_comp.type
_chem_comp.name
_chem_comp.formula
559 non-polymer 5-[(4S)-6-(4-chlorophenyl)-1,4-dimethyl-5,6-dihydro-4H-[1,2,4]triazolo[4,3-a][1,5]benzodiazepin-8-yl]pyridin-2-amine 'C23 H21 Cl N6'
#
# COMPACT_ATOMS: atom_id res chain seq x y z
N GLY A 1 11.73 -30.18 -20.83
CA GLY A 1 10.45 -29.57 -21.23
C GLY A 1 10.16 -28.26 -20.49
N SER A 2 9.10 -27.62 -20.92
CA SER A 2 8.75 -26.30 -20.42
C SER A 2 7.24 -26.20 -20.39
N THR A 3 6.72 -25.84 -19.20
CA THR A 3 5.36 -25.46 -18.92
C THR A 3 5.37 -24.04 -18.30
N ASN A 4 4.43 -23.18 -18.72
CA ASN A 4 4.29 -21.86 -18.12
C ASN A 4 3.91 -22.07 -16.69
N PRO A 5 4.26 -21.14 -15.78
CA PRO A 5 3.72 -21.20 -14.46
C PRO A 5 2.25 -20.79 -14.49
N PRO A 6 1.49 -21.11 -13.43
CA PRO A 6 0.15 -20.53 -13.27
C PRO A 6 0.31 -19.03 -13.16
N PRO A 7 -0.73 -18.29 -13.60
CA PRO A 7 -0.72 -16.84 -13.42
C PRO A 7 -0.65 -16.49 -11.91
N PRO A 8 -0.30 -15.26 -11.56
CA PRO A 8 -0.33 -14.81 -10.20
C PRO A 8 -1.80 -14.92 -9.66
N GLU A 9 -1.89 -15.07 -8.35
CA GLU A 9 -3.19 -15.07 -7.69
C GLU A 9 -3.88 -13.69 -7.98
N THR A 10 -5.19 -13.72 -8.21
CA THR A 10 -5.93 -12.54 -8.50
C THR A 10 -7.17 -12.32 -7.62
N SER A 11 -7.64 -13.34 -6.94
CA SER A 11 -8.89 -13.23 -6.20
C SER A 11 -8.79 -14.15 -5.00
N ASN A 12 -9.11 -13.67 -3.83
CA ASN A 12 -9.07 -14.54 -2.68
C ASN A 12 -10.09 -14.02 -1.71
N PRO A 13 -11.13 -14.79 -1.45
CA PRO A 13 -12.23 -14.30 -0.65
C PRO A 13 -11.90 -14.12 0.87
N ASN A 14 -10.73 -14.60 1.32
CA ASN A 14 -10.33 -14.46 2.72
C ASN A 14 -9.68 -13.07 3.03
N LYS A 15 -9.17 -12.43 1.97
CA LYS A 15 -8.55 -11.16 2.14
C LYS A 15 -9.58 -10.09 2.28
N PRO A 16 -9.44 -9.17 3.24
CA PRO A 16 -10.48 -8.13 3.44
C PRO A 16 -10.54 -7.18 2.25
N LYS A 17 -11.66 -6.51 2.17
CA LYS A 17 -11.94 -5.70 1.02
C LYS A 17 -12.18 -4.29 1.43
N ARG A 18 -11.63 -3.33 0.71
CA ARG A 18 -12.00 -1.94 0.92
C ARG A 18 -11.98 -1.24 -0.43
N GLN A 19 -12.80 -0.22 -0.55
CA GLN A 19 -12.90 0.58 -1.73
C GLN A 19 -12.20 1.86 -1.31
N THR A 20 -11.23 2.28 -2.10
CA THR A 20 -10.53 3.56 -1.86
C THR A 20 -10.54 4.40 -3.08
N ASN A 21 -10.45 5.71 -2.88
CA ASN A 21 -10.31 6.62 -4.01
C ASN A 21 -9.11 6.28 -4.92
N GLN A 22 -7.99 5.92 -4.33
CA GLN A 22 -6.79 5.63 -5.07
C GLN A 22 -6.94 4.32 -5.88
N LEU A 23 -7.45 3.25 -5.22
CA LEU A 23 -7.66 2.01 -5.96
C LEU A 23 -8.67 2.22 -7.09
N GLN A 24 -9.73 3.03 -6.86
CA GLN A 24 -10.67 3.24 -7.96
C GLN A 24 -10.01 3.98 -9.07
N TYR A 25 -9.18 4.99 -8.75
CA TYR A 25 -8.48 5.74 -9.81
C TYR A 25 -7.51 4.86 -10.61
N LEU A 26 -6.80 3.97 -9.90
CA LEU A 26 -5.93 3.07 -10.60
C LEU A 26 -6.62 2.15 -11.58
N LEU A 27 -7.83 1.71 -11.26
CA LEU A 27 -8.64 0.92 -12.20
C LEU A 27 -9.25 1.78 -13.32
N ARG A 28 -9.92 2.82 -12.90
CA ARG A 28 -10.85 3.51 -13.78
C ARG A 28 -10.11 4.45 -14.74
N VAL A 29 -8.97 4.97 -14.28
CA VAL A 29 -8.16 5.94 -15.04
C VAL A 29 -6.88 5.36 -15.49
N VAL A 30 -6.08 4.85 -14.56
CA VAL A 30 -4.68 4.50 -14.94
C VAL A 30 -4.69 3.29 -15.84
N LEU A 31 -5.29 2.19 -15.35
CA LEU A 31 -5.30 0.95 -16.12
C LEU A 31 -5.97 1.17 -17.47
N LYS A 32 -7.05 1.93 -17.50
CA LYS A 32 -7.74 2.27 -18.76
C LYS A 32 -6.81 2.91 -19.78
N THR A 33 -6.04 3.89 -19.31
N THR A 33 -6.12 4.01 -19.43
CA THR A 33 -5.15 4.63 -20.21
CA THR A 33 -5.31 4.76 -20.43
C THR A 33 -4.00 3.74 -20.74
C THR A 33 -4.06 3.91 -20.89
N LEU A 34 -3.38 2.98 -19.84
N LEU A 34 -3.54 3.12 -19.97
CA LEU A 34 -2.33 2.08 -20.31
CA LEU A 34 -2.50 2.18 -20.37
C LEU A 34 -2.94 1.01 -21.22
C LEU A 34 -3.00 1.08 -21.26
N TRP A 35 -4.18 0.56 -20.95
CA TRP A 35 -4.70 -0.59 -21.70
C TRP A 35 -4.86 -0.20 -23.18
N LYS A 36 -5.27 1.06 -23.57
N LYS A 36 -5.19 1.02 -23.31
CA LYS A 36 -5.48 1.53 -25.07
CA LYS A 36 -5.60 1.45 -24.57
C LYS A 36 -4.18 1.96 -25.70
C LYS A 36 -4.38 2.02 -25.40
N HIS A 37 -3.15 2.07 -24.87
CA HIS A 37 -1.93 2.58 -25.48
C HIS A 37 -1.47 1.74 -26.64
N GLN A 38 -0.81 2.39 -27.62
CA GLN A 38 -0.23 1.69 -28.78
C GLN A 38 0.50 0.44 -28.41
N PHE A 39 1.27 0.52 -27.33
CA PHE A 39 2.23 -0.52 -26.97
C PHE A 39 1.70 -1.46 -25.90
N ALA A 40 0.39 -1.45 -25.58
CA ALA A 40 -0.10 -2.25 -24.49
C ALA A 40 -0.12 -3.76 -24.80
N TRP A 41 -0.27 -4.18 -26.05
CA TRP A 41 -0.61 -5.55 -26.30
C TRP A 41 0.33 -6.63 -25.73
N PRO A 42 1.68 -6.42 -25.71
CA PRO A 42 2.49 -7.47 -25.11
C PRO A 42 2.32 -7.65 -23.63
N PHE A 43 1.72 -6.65 -22.99
CA PHE A 43 1.60 -6.52 -21.54
C PHE A 43 0.16 -6.83 -21.04
N GLN A 44 -0.75 -7.19 -21.92
CA GLN A 44 -2.14 -7.38 -21.56
C GLN A 44 -2.45 -8.75 -21.00
N GLN A 45 -1.51 -9.65 -20.97
CA GLN A 45 -1.69 -10.99 -20.41
C GLN A 45 -0.34 -11.52 -20.05
N PRO A 46 -0.23 -12.58 -19.23
CA PRO A 46 1.07 -13.23 -18.97
C PRO A 46 1.85 -13.63 -20.26
N VAL A 47 3.14 -13.50 -20.13
CA VAL A 47 3.98 -13.88 -21.22
C VAL A 47 3.79 -15.43 -21.46
N ASP A 48 3.34 -15.81 -22.64
CA ASP A 48 3.14 -17.20 -22.89
C ASP A 48 4.48 -17.74 -23.51
N ALA A 49 5.40 -18.14 -22.64
CA ALA A 49 6.68 -18.57 -23.12
C ALA A 49 6.68 -19.88 -23.89
N VAL A 50 5.69 -20.73 -23.72
CA VAL A 50 5.55 -21.94 -24.53
C VAL A 50 5.14 -21.63 -25.99
N LYS A 51 4.14 -20.80 -26.10
CA LYS A 51 3.74 -20.28 -27.40
C LYS A 51 4.83 -19.57 -28.19
N LEU A 52 5.54 -18.67 -27.45
CA LEU A 52 6.64 -17.94 -28.05
C LEU A 52 7.95 -18.71 -28.23
N ASN A 53 8.01 -19.95 -27.69
CA ASN A 53 9.21 -20.78 -27.80
C ASN A 53 10.35 -20.08 -27.14
N LEU A 54 9.88 -19.44 -26.06
CA LEU A 54 10.96 -18.97 -25.03
C LEU A 54 11.25 -19.66 -23.65
N PRO A 55 12.00 -20.75 -23.62
CA PRO A 55 12.01 -21.62 -22.39
C PRO A 55 12.82 -20.94 -21.26
N ASP A 56 13.61 -19.89 -21.60
CA ASP A 56 14.31 -19.22 -20.53
C ASP A 56 13.54 -18.11 -19.79
N TYR A 57 12.35 -17.72 -20.28
CA TYR A 57 11.70 -16.54 -19.71
C TYR A 57 11.43 -16.74 -18.19
N TYR A 58 10.89 -17.90 -17.84
CA TYR A 58 10.53 -18.15 -16.50
C TYR A 58 11.68 -18.74 -15.70
N LYS A 59 12.82 -18.98 -16.34
CA LYS A 59 14.09 -19.19 -15.63
C LYS A 59 14.66 -17.85 -15.12
N ILE A 60 14.41 -16.80 -15.89
CA ILE A 60 14.93 -15.45 -15.60
C ILE A 60 13.96 -14.62 -14.73
N ILE A 61 12.70 -14.70 -15.09
CA ILE A 61 11.61 -13.90 -14.43
C ILE A 61 10.95 -14.77 -13.40
N LYS A 62 11.25 -14.51 -12.12
CA LYS A 62 10.67 -15.25 -11.08
C LYS A 62 9.52 -14.60 -10.41
N THR A 63 9.23 -13.32 -10.76
CA THR A 63 8.02 -12.59 -10.22
C THR A 63 7.25 -12.05 -11.41
N PRO A 64 6.53 -12.92 -12.12
CA PRO A 64 5.76 -12.48 -13.28
C PRO A 64 4.69 -11.47 -12.93
N MET A 65 4.49 -10.55 -13.86
CA MET A 65 3.33 -9.62 -13.72
C MET A 65 2.96 -9.05 -15.04
N ASP A 66 1.70 -8.70 -15.20
CA ASP A 66 1.19 -8.20 -16.46
C ASP A 66 -0.08 -7.39 -16.16
N MET A 67 -0.55 -6.58 -17.12
CA MET A 67 -1.77 -5.75 -16.87
C MET A 67 -3.03 -6.53 -16.78
N GLY A 68 -3.11 -7.69 -17.47
CA GLY A 68 -4.30 -8.48 -17.32
C GLY A 68 -4.47 -8.89 -15.83
N THR A 69 -3.38 -9.33 -15.22
CA THR A 69 -3.39 -9.75 -13.80
C THR A 69 -3.67 -8.50 -12.93
N ILE A 70 -3.12 -7.35 -13.26
CA ILE A 70 -3.35 -6.16 -12.45
C ILE A 70 -4.82 -5.78 -12.52
N LYS A 71 -5.40 -5.82 -13.73
CA LYS A 71 -6.82 -5.59 -13.86
C LYS A 71 -7.64 -6.45 -12.93
N LYS A 72 -7.34 -7.72 -12.98
CA LYS A 72 -8.06 -8.68 -12.13
C LYS A 72 -7.90 -8.42 -10.65
N ARG A 73 -6.69 -8.11 -10.25
CA ARG A 73 -6.46 -7.81 -8.82
C ARG A 73 -7.29 -6.57 -8.41
N LEU A 74 -7.25 -5.53 -9.22
CA LEU A 74 -8.02 -4.34 -8.90
C LEU A 74 -9.51 -4.69 -8.81
N GLU A 75 -10.04 -5.36 -9.83
CA GLU A 75 -11.49 -5.49 -9.92
C GLU A 75 -12.04 -6.51 -8.95
N ASN A 76 -11.19 -7.41 -8.44
CA ASN A 76 -11.54 -8.39 -7.46
C ASN A 76 -11.12 -7.96 -6.05
N ASN A 77 -10.78 -6.69 -5.85
CA ASN A 77 -10.45 -6.17 -4.54
C ASN A 77 -9.35 -7.01 -3.79
N TYR A 78 -8.34 -7.41 -4.56
CA TYR A 78 -7.21 -8.15 -4.04
C TYR A 78 -6.27 -7.26 -3.33
N TYR A 79 -6.10 -6.03 -3.79
CA TYR A 79 -5.21 -5.12 -3.12
C TYR A 79 -5.91 -4.38 -1.99
N TRP A 80 -5.16 -4.19 -0.90
CA TRP A 80 -5.62 -3.34 0.25
C TRP A 80 -5.03 -1.95 0.14
N ASN A 81 -3.71 -1.89 -0.17
CA ASN A 81 -2.98 -0.64 -0.28
C ASN A 81 -2.71 -0.38 -1.73
N ALA A 82 -2.87 0.91 -2.11
CA ALA A 82 -2.60 1.36 -3.44
C ALA A 82 -1.19 1.01 -3.86
N GLN A 83 -0.21 1.08 -2.94
CA GLN A 83 1.14 0.84 -3.32
C GLN A 83 1.29 -0.63 -3.77
N GLU A 84 0.44 -1.59 -3.38
CA GLU A 84 0.56 -2.92 -3.91
C GLU A 84 0.38 -2.96 -5.45
N CYS A 85 -0.57 -2.16 -5.93
CA CYS A 85 -0.78 -2.05 -7.36
C CYS A 85 0.31 -1.36 -8.06
N ILE A 86 0.73 -0.22 -7.50
CA ILE A 86 1.84 0.51 -8.13
C ILE A 86 3.11 -0.41 -8.15
N GLN A 87 3.35 -1.21 -7.11
CA GLN A 87 4.46 -2.17 -7.11
C GLN A 87 4.30 -3.21 -8.24
N ASP A 88 3.08 -3.70 -8.49
CA ASP A 88 2.90 -4.64 -9.60
C ASP A 88 3.15 -3.98 -10.93
N PHE A 89 2.75 -2.74 -11.15
CA PHE A 89 3.14 -2.10 -12.43
C PHE A 89 4.66 -1.99 -12.54
N ASN A 90 5.34 -1.62 -11.46
CA ASN A 90 6.82 -1.57 -11.53
C ASN A 90 7.46 -2.87 -11.70
N THR A 91 6.93 -3.94 -11.15
CA THR A 91 7.40 -5.28 -11.45
C THR A 91 7.25 -5.63 -12.91
N MET A 92 6.11 -5.30 -13.50
CA MET A 92 5.89 -5.54 -14.93
C MET A 92 6.96 -4.83 -15.76
N PHE A 93 7.18 -3.58 -15.53
CA PHE A 93 8.19 -2.87 -16.33
C PHE A 93 9.58 -3.41 -16.10
N THR A 94 9.97 -3.64 -14.86
N THR A 94 10.03 -3.54 -14.84
CA THR A 94 11.27 -4.09 -14.59
CA THR A 94 11.35 -4.10 -14.62
C THR A 94 11.49 -5.48 -15.12
C THR A 94 11.51 -5.52 -15.12
N ASN A 95 10.49 -6.35 -15.11
CA ASN A 95 10.65 -7.69 -15.75
C ASN A 95 11.03 -7.52 -17.20
N CYS A 96 10.45 -6.62 -17.92
CA CYS A 96 10.80 -6.41 -19.31
C CYS A 96 12.23 -5.97 -19.45
N TYR A 97 12.67 -5.04 -18.59
CA TYR A 97 14.10 -4.58 -18.62
C TYR A 97 15.04 -5.69 -18.26
N ILE A 98 14.66 -6.56 -17.37
CA ILE A 98 15.51 -7.71 -16.95
C ILE A 98 15.65 -8.71 -18.07
N TYR A 99 14.52 -9.12 -18.67
CA TYR A 99 14.61 -10.16 -19.67
C TYR A 99 15.35 -9.72 -20.96
N ASN A 100 15.09 -8.49 -21.33
CA ASN A 100 15.62 -7.94 -22.56
C ASN A 100 16.87 -7.08 -22.31
N LYS A 101 17.30 -6.32 -23.32
CA LYS A 101 18.54 -5.55 -23.25
C LYS A 101 18.28 -4.11 -23.57
N PRO A 102 19.15 -3.21 -23.08
CA PRO A 102 18.93 -1.80 -23.33
C PRO A 102 18.77 -1.50 -24.79
N GLY A 103 17.78 -0.67 -25.12
CA GLY A 103 17.48 -0.31 -26.47
C GLY A 103 16.71 -1.29 -27.35
N ASP A 104 16.34 -2.45 -26.85
CA ASP A 104 15.53 -3.37 -27.60
C ASP A 104 14.17 -2.74 -27.89
N ASP A 105 13.49 -3.16 -28.96
CA ASP A 105 12.18 -2.60 -29.30
C ASP A 105 11.16 -2.70 -28.13
N ILE A 106 11.13 -3.85 -27.48
CA ILE A 106 10.11 -4.03 -26.45
C ILE A 106 10.50 -3.19 -25.21
N VAL A 107 11.79 -2.97 -24.99
CA VAL A 107 12.22 -2.13 -23.89
C VAL A 107 11.82 -0.65 -24.14
N LEU A 108 11.99 -0.13 -25.38
CA LEU A 108 11.57 1.18 -25.68
C LEU A 108 10.02 1.33 -25.43
N MET A 109 9.30 0.32 -25.78
CA MET A 109 7.83 0.27 -25.60
C MET A 109 7.45 0.28 -24.15
N ALA A 110 8.13 -0.53 -23.33
CA ALA A 110 7.91 -0.55 -21.89
C ALA A 110 8.29 0.79 -21.25
N GLU A 111 9.38 1.39 -21.67
CA GLU A 111 9.79 2.64 -21.18
C GLU A 111 8.73 3.71 -21.42
N ALA A 112 8.09 3.69 -22.59
CA ALA A 112 7.07 4.67 -22.90
C ALA A 112 5.83 4.40 -22.07
N LEU A 113 5.41 3.15 -21.89
CA LEU A 113 4.30 2.86 -21.01
C LEU A 113 4.55 3.30 -19.59
N GLU A 114 5.77 3.11 -19.12
CA GLU A 114 6.16 3.51 -17.79
C GLU A 114 6.08 5.02 -17.67
N LYS A 115 6.47 5.74 -18.69
N LYS A 115 6.50 5.78 -18.67
CA LYS A 115 6.45 7.18 -18.58
CA LYS A 115 6.41 7.23 -18.60
C LYS A 115 4.97 7.64 -18.44
C LYS A 115 4.95 7.63 -18.41
N LEU A 116 4.07 7.00 -19.19
CA LEU A 116 2.63 7.29 -19.11
C LEU A 116 2.11 6.94 -17.78
N PHE A 117 2.45 5.78 -17.23
CA PHE A 117 2.08 5.38 -15.90
C PHE A 117 2.45 6.43 -14.86
N LEU A 118 3.71 6.91 -14.90
CA LEU A 118 4.17 7.86 -13.91
C LEU A 118 3.41 9.17 -14.06
N GLN A 119 3.11 9.62 -15.25
CA GLN A 119 2.35 10.84 -15.43
C GLN A 119 0.95 10.66 -14.84
N LYS A 120 0.35 9.47 -15.05
CA LYS A 120 -0.99 9.25 -14.53
C LYS A 120 -1.02 9.13 -13.04
N ILE A 121 -0.04 8.50 -12.38
CA ILE A 121 -0.12 8.40 -10.93
C ILE A 121 0.30 9.67 -10.28
N ASN A 122 0.81 10.63 -11.09
CA ASN A 122 1.16 11.96 -10.50
C ASN A 122 -0.10 12.61 -10.04
N GLU A 123 -1.23 12.20 -10.59
CA GLU A 123 -2.51 12.71 -10.28
C GLU A 123 -3.38 11.72 -9.42
N LEU A 124 -2.71 10.77 -8.71
CA LEU A 124 -3.36 9.94 -7.70
C LEU A 124 -4.08 10.80 -6.67
N PRO A 125 -5.39 10.59 -6.47
CA PRO A 125 -6.03 11.42 -5.47
C PRO A 125 -5.55 11.02 -4.10
N THR A 126 -5.79 11.94 -3.18
CA THR A 126 -5.25 11.78 -1.83
C THR A 126 -6.26 11.01 -0.98
N GLY B 1 -13.22 -17.69 5.53
CA GLY B 1 -11.91 -17.42 6.19
C GLY B 1 -11.56 -15.97 6.35
N SER B 2 -10.40 -15.74 6.95
CA SER B 2 -10.00 -14.37 7.25
C SER B 2 -8.52 -14.26 7.30
N THR B 3 -8.02 -13.24 6.67
CA THR B 3 -6.58 -12.90 6.63
C THR B 3 -6.47 -11.43 6.95
N ASN B 4 -5.51 -11.07 7.78
CA ASN B 4 -5.25 -9.71 8.08
C ASN B 4 -4.84 -8.97 6.80
N PRO B 5 -5.15 -7.69 6.66
CA PRO B 5 -4.62 -6.91 5.58
C PRO B 5 -3.15 -6.64 5.82
N PRO B 6 -2.37 -6.28 4.78
CA PRO B 6 -1.00 -5.78 5.02
C PRO B 6 -1.12 -4.54 5.88
N PRO B 7 -0.03 -4.24 6.64
CA PRO B 7 0.00 -2.99 7.37
C PRO B 7 -0.03 -1.79 6.42
N PRO B 8 -0.31 -0.59 6.92
CA PRO B 8 -0.22 0.59 6.08
C PRO B 8 1.25 0.73 5.54
N GLU B 9 1.33 1.39 4.42
CA GLU B 9 2.64 1.73 3.84
C GLU B 9 3.42 2.61 4.88
N THR B 10 4.72 2.38 4.98
CA THR B 10 5.55 3.08 5.94
C THR B 10 6.83 3.68 5.37
N SER B 11 7.21 3.26 4.19
CA SER B 11 8.45 3.75 3.62
C SER B 11 8.34 3.72 2.12
N ASN B 12 8.67 4.83 1.48
CA ASN B 12 8.65 4.91 0.05
C ASN B 12 9.73 5.84 -0.44
N PRO B 13 10.79 5.32 -1.03
CA PRO B 13 11.88 6.20 -1.41
C PRO B 13 11.58 7.20 -2.51
N ASN B 14 10.46 7.10 -3.24
CA ASN B 14 10.09 8.06 -4.26
C ASN B 14 9.51 9.37 -3.65
N LYS B 15 9.03 9.25 -2.43
CA LYS B 15 8.51 10.43 -1.76
C LYS B 15 9.62 11.37 -1.31
N PRO B 16 9.42 12.67 -1.44
CA PRO B 16 10.50 13.59 -1.04
C PRO B 16 10.59 13.61 0.49
N LYS B 17 11.76 13.99 0.95
CA LYS B 17 12.04 13.90 2.34
C LYS B 17 12.38 15.26 2.86
N ARG B 18 11.89 15.59 4.03
CA ARG B 18 12.40 16.78 4.70
C ARG B 18 12.34 16.51 6.21
N GLN B 19 13.24 17.19 6.90
CA GLN B 19 13.28 17.17 8.35
C GLN B 19 12.63 18.46 8.78
N THR B 20 11.69 18.36 9.73
CA THR B 20 11.19 19.58 10.29
C THR B 20 11.18 19.47 11.79
N ASN B 21 11.22 20.62 12.39
CA ASN B 21 11.11 20.68 13.84
C ASN B 21 9.87 19.94 14.45
N GLN B 22 8.74 20.07 13.81
CA GLN B 22 7.51 19.46 14.34
C GLN B 22 7.57 17.93 14.14
N LEU B 23 8.07 17.48 12.97
CA LEU B 23 8.12 16.05 12.76
C LEU B 23 9.13 15.44 13.76
N GLN B 24 10.25 16.14 14.04
CA GLN B 24 11.23 15.59 14.95
C GLN B 24 10.61 15.53 16.34
N TYR B 25 9.83 16.56 16.72
CA TYR B 25 9.21 16.57 18.06
C TYR B 25 8.16 15.44 18.19
N LEU B 26 7.40 15.24 17.14
CA LEU B 26 6.47 14.13 17.09
C LEU B 26 7.06 12.77 17.32
N LEU B 27 8.26 12.58 16.75
CA LEU B 27 8.93 11.27 17.00
C LEU B 27 9.60 11.24 18.38
N ARG B 28 10.41 12.25 18.66
CA ARG B 28 11.33 12.17 19.77
C ARG B 28 10.67 12.44 21.15
N VAL B 29 9.60 13.21 21.14
CA VAL B 29 8.88 13.57 22.33
C VAL B 29 7.48 12.90 22.38
N VAL B 30 6.64 13.17 21.41
CA VAL B 30 5.20 12.72 21.49
C VAL B 30 5.12 11.21 21.43
N LEU B 31 5.67 10.59 20.37
CA LEU B 31 5.61 9.14 20.25
C LEU B 31 6.25 8.45 21.45
N LYS B 32 7.35 8.97 21.93
CA LYS B 32 8.03 8.45 23.11
C LYS B 32 7.10 8.46 24.32
N THR B 33 6.41 9.59 24.59
CA THR B 33 5.57 9.74 25.73
C THR B 33 4.41 8.73 25.65
N LEU B 34 3.79 8.63 24.51
CA LEU B 34 2.73 7.69 24.39
C LEU B 34 3.16 6.26 24.47
N TRP B 35 4.36 5.97 23.92
CA TRP B 35 4.78 4.58 23.87
C TRP B 35 4.97 3.97 25.25
N LYS B 36 5.48 4.72 26.27
N LYS B 36 5.40 4.82 26.11
CA LYS B 36 5.74 4.22 27.70
CA LYS B 36 5.77 4.35 27.35
C LYS B 36 4.47 4.22 28.54
C LYS B 36 4.57 4.24 28.34
N HIS B 37 3.38 4.76 28.00
CA HIS B 37 2.19 4.79 28.85
C HIS B 37 1.68 3.37 29.10
N GLN B 38 1.10 3.18 30.30
CA GLN B 38 0.63 1.83 30.65
C GLN B 38 -0.51 1.33 29.72
N PHE B 39 -1.17 2.24 29.02
CA PHE B 39 -2.25 1.81 28.11
C PHE B 39 -1.79 1.73 26.67
N ALA B 40 -0.49 1.86 26.37
CA ALA B 40 -0.07 1.87 24.99
C ALA B 40 -0.12 0.48 24.34
N TRP B 41 0.03 -0.60 25.08
CA TRP B 41 0.30 -1.89 24.49
C TRP B 41 -0.64 -2.34 23.38
N PRO B 42 -2.00 -2.10 23.50
CA PRO B 42 -2.84 -2.59 22.39
C PRO B 42 -2.67 -1.81 21.05
N PHE B 43 -2.02 -0.65 21.17
CA PHE B 43 -1.85 0.30 20.09
C PHE B 43 -0.43 0.32 19.52
N GLN B 44 0.42 -0.56 20.02
CA GLN B 44 1.81 -0.56 19.56
C GLN B 44 2.05 -1.30 18.27
N GLN B 45 1.05 -1.96 17.71
CA GLN B 45 1.16 -2.70 16.45
C GLN B 45 -0.18 -2.80 15.86
N PRO B 46 -0.31 -3.15 14.57
CA PRO B 46 -1.62 -3.43 13.96
C PRO B 46 -2.51 -4.44 14.76
N VAL B 47 -3.77 -4.21 14.78
CA VAL B 47 -4.68 -5.14 15.40
C VAL B 47 -4.51 -6.50 14.63
N ASP B 48 -4.13 -7.55 15.30
CA ASP B 48 -3.99 -8.88 14.71
C ASP B 48 -5.32 -9.61 14.85
N ALA B 49 -6.25 -9.32 13.96
CA ALA B 49 -7.55 -9.81 14.06
C ALA B 49 -7.59 -11.36 13.84
N VAL B 50 -6.71 -11.93 13.04
CA VAL B 50 -6.56 -13.38 12.94
C VAL B 50 -6.24 -14.01 14.30
N LYS B 51 -5.19 -13.51 14.93
CA LYS B 51 -4.79 -14.07 16.18
C LYS B 51 -5.83 -13.97 17.24
N LEU B 52 -6.49 -12.80 17.29
CA LEU B 52 -7.52 -12.50 18.21
C LEU B 52 -8.88 -13.14 17.93
N ASN B 53 -9.04 -13.76 16.72
CA ASN B 53 -10.30 -14.41 16.32
C ASN B 53 -11.44 -13.38 16.23
N LEU B 54 -11.12 -12.26 15.58
CA LEU B 54 -12.05 -11.14 15.38
C LEU B 54 -12.23 -10.80 13.92
N PRO B 55 -12.97 -11.65 13.14
CA PRO B 55 -13.01 -11.50 11.63
C PRO B 55 -13.84 -10.23 11.25
N ASP B 56 -14.52 -9.59 12.21
CA ASP B 56 -15.24 -8.35 11.85
C ASP B 56 -14.35 -7.10 11.92
N TYR B 57 -13.14 -7.17 12.54
CA TYR B 57 -12.40 -5.95 12.74
C TYR B 57 -12.16 -5.16 11.45
N TYR B 58 -11.60 -5.84 10.44
CA TYR B 58 -11.28 -5.22 9.17
C TYR B 58 -12.48 -5.15 8.23
N LYS B 59 -13.63 -5.66 8.65
CA LYS B 59 -14.91 -5.38 7.95
C LYS B 59 -15.39 -3.98 8.40
N ILE B 60 -15.11 -3.63 9.64
CA ILE B 60 -15.54 -2.35 10.22
C ILE B 60 -14.51 -1.21 10.05
N ILE B 61 -13.26 -1.53 10.26
CA ILE B 61 -12.16 -0.57 10.20
C ILE B 61 -11.49 -0.69 8.87
N LYS B 62 -11.78 0.29 8.02
CA LYS B 62 -11.28 0.36 6.69
C LYS B 62 -10.03 1.26 6.56
N THR B 63 -9.65 2.01 7.61
CA THR B 63 -8.44 2.83 7.57
C THR B 63 -7.63 2.50 8.81
N PRO B 64 -6.98 1.35 8.84
CA PRO B 64 -6.21 0.93 10.04
C PRO B 64 -5.07 1.85 10.36
N MET B 65 -4.80 2.03 11.66
CA MET B 65 -3.63 2.78 12.06
C MET B 65 -3.23 2.39 13.46
N ASP B 66 -1.96 2.51 13.78
CA ASP B 66 -1.41 2.09 15.08
C ASP B 66 -0.13 2.86 15.30
N MET B 67 0.37 2.86 16.55
CA MET B 67 1.61 3.61 16.85
C MET B 67 2.84 2.96 16.29
N GLY B 68 2.84 1.64 16.09
CA GLY B 68 3.99 1.03 15.44
C GLY B 68 4.18 1.59 14.04
N THR B 69 3.08 1.63 13.29
CA THR B 69 3.10 2.21 11.94
C THR B 69 3.44 3.69 11.98
N ILE B 70 2.97 4.46 12.95
CA ILE B 70 3.30 5.86 13.05
C ILE B 70 4.79 6.04 13.29
N LYS B 71 5.35 5.25 14.21
CA LYS B 71 6.79 5.34 14.47
C LYS B 71 7.53 5.11 13.15
N LYS B 72 7.17 4.06 12.41
CA LYS B 72 7.86 3.78 11.14
C LYS B 72 7.73 4.92 10.17
N ARG B 73 6.56 5.50 10.03
CA ARG B 73 6.37 6.58 9.08
C ARG B 73 7.29 7.77 9.52
N LEU B 74 7.27 8.12 10.83
CA LEU B 74 8.13 9.21 11.30
C LEU B 74 9.59 8.93 10.97
N GLU B 75 10.06 7.75 11.33
CA GLU B 75 11.50 7.51 11.28
C GLU B 75 12.00 7.23 9.89
N ASN B 76 11.12 6.87 8.97
CA ASN B 76 11.44 6.68 7.61
C ASN B 76 11.10 7.92 6.73
N ASN B 77 10.79 9.07 7.35
CA ASN B 77 10.51 10.29 6.60
C ASN B 77 9.40 10.16 5.57
N TYR B 78 8.36 9.37 5.94
CA TYR B 78 7.22 9.16 5.07
C TYR B 78 6.33 10.38 5.05
N TYR B 79 6.27 11.13 6.16
CA TYR B 79 5.40 12.32 6.23
C TYR B 79 6.16 13.52 5.70
N TRP B 80 5.45 14.36 4.97
CA TRP B 80 5.98 15.66 4.55
C TRP B 80 5.43 16.76 5.48
N ASN B 81 4.11 16.75 5.76
CA ASN B 81 3.43 17.69 6.62
C ASN B 81 3.18 17.04 7.95
N ALA B 82 3.45 17.80 9.03
CA ALA B 82 3.19 17.34 10.39
C ALA B 82 1.74 16.88 10.56
N GLN B 83 0.80 17.58 9.93
CA GLN B 83 -0.60 17.22 10.08
C GLN B 83 -0.87 15.80 9.64
N GLU B 84 -0.06 15.27 8.68
CA GLU B 84 -0.29 13.89 8.29
C GLU B 84 -0.14 12.93 9.51
N CYS B 85 0.88 13.20 10.33
CA CYS B 85 1.09 12.38 11.52
C CYS B 85 -0.01 12.58 12.56
N ILE B 86 -0.36 13.86 12.81
CA ILE B 86 -1.42 14.14 13.77
C ILE B 86 -2.72 13.42 13.24
N GLN B 87 -3.00 13.45 11.96
CA GLN B 87 -4.16 12.75 11.43
C GLN B 87 -4.07 11.25 11.66
N ASP B 88 -2.89 10.65 11.52
CA ASP B 88 -2.77 9.22 11.82
C ASP B 88 -3.05 8.91 13.29
N PHE B 89 -2.54 9.73 14.21
CA PHE B 89 -2.95 9.51 15.59
C PHE B 89 -4.48 9.61 15.77
N ASN B 90 -5.08 10.60 15.17
CA ASN B 90 -6.59 10.68 15.28
C ASN B 90 -7.29 9.58 14.70
N THR B 91 -6.81 9.02 13.54
CA THR B 91 -7.38 7.83 12.97
C THR B 91 -7.26 6.65 13.94
N MET B 92 -6.12 6.49 14.56
CA MET B 92 -5.94 5.44 15.56
C MET B 92 -6.95 5.51 16.66
N PHE B 93 -7.15 6.70 17.25
CA PHE B 93 -8.08 6.80 18.36
C PHE B 93 -9.48 6.60 17.87
N THR B 94 -9.91 7.25 16.79
CA THR B 94 -11.22 7.05 16.28
C THR B 94 -11.53 5.67 15.83
N ASN B 95 -10.57 4.95 15.30
CA ASN B 95 -10.83 3.50 14.97
C ASN B 95 -11.26 2.76 16.24
N CYS B 96 -10.60 3.03 17.33
CA CYS B 96 -10.96 2.38 18.58
C CYS B 96 -12.39 2.70 19.00
N TYR B 97 -12.76 3.95 18.84
CA TYR B 97 -14.13 4.38 19.20
C TYR B 97 -15.13 3.77 18.27
N ILE B 98 -14.80 3.64 16.99
CA ILE B 98 -15.72 3.05 15.99
C ILE B 98 -15.95 1.58 16.25
N TYR B 99 -14.87 0.79 16.46
CA TYR B 99 -15.02 -0.61 16.62
C TYR B 99 -15.76 -1.03 17.90
N ASN B 100 -15.44 -0.30 18.94
CA ASN B 100 -15.96 -0.57 20.28
C ASN B 100 -17.16 0.29 20.63
N LYS B 101 -17.54 0.35 21.89
CA LYS B 101 -18.76 1.07 22.29
C LYS B 101 -18.40 2.02 23.45
N PRO B 102 -19.24 3.06 23.64
CA PRO B 102 -18.95 4.03 24.68
C PRO B 102 -18.79 3.34 26.01
N GLY B 103 -17.78 3.76 26.78
CA GLY B 103 -17.41 3.22 28.04
C GLY B 103 -16.73 1.89 28.10
N ASP B 104 -16.44 1.25 27.00
CA ASP B 104 -15.67 -0.01 27.04
C ASP B 104 -14.28 0.29 27.62
N ASP B 105 -13.69 -0.72 28.22
CA ASP B 105 -12.36 -0.54 28.79
C ASP B 105 -11.33 -0.01 27.82
N ILE B 106 -11.31 -0.58 26.60
CA ILE B 106 -10.29 -0.15 25.61
C ILE B 106 -10.60 1.31 25.17
N VAL B 107 -11.88 1.69 25.12
CA VAL B 107 -12.23 3.03 24.79
C VAL B 107 -11.74 4.06 25.83
N LEU B 108 -11.91 3.70 27.10
CA LEU B 108 -11.36 4.51 28.14
C LEU B 108 -9.84 4.68 28.04
N MET B 109 -9.19 3.60 27.72
CA MET B 109 -7.75 3.63 27.51
C MET B 109 -7.31 4.52 26.36
N ALA B 110 -8.00 4.42 25.25
CA ALA B 110 -7.77 5.29 24.09
C ALA B 110 -8.07 6.76 24.42
N GLU B 111 -9.16 7.00 25.18
CA GLU B 111 -9.44 8.37 25.58
C GLU B 111 -8.36 8.98 26.41
N ALA B 112 -7.77 8.20 27.33
CA ALA B 112 -6.66 8.70 28.16
C ALA B 112 -5.44 8.98 27.30
N LEU B 113 -5.11 8.10 26.35
CA LEU B 113 -3.99 8.34 25.43
C LEU B 113 -4.21 9.54 24.61
N GLU B 114 -5.44 9.76 24.14
CA GLU B 114 -5.76 10.87 23.33
C GLU B 114 -5.57 12.17 24.07
N LYS B 115 -5.98 12.16 25.34
CA LYS B 115 -5.85 13.36 26.19
C LYS B 115 -4.36 13.73 26.32
N LEU B 116 -3.57 12.69 26.55
CA LEU B 116 -2.12 12.88 26.70
C LEU B 116 -1.52 13.41 25.44
N PHE B 117 -1.88 12.77 24.28
CA PHE B 117 -1.42 13.21 22.99
C PHE B 117 -1.71 14.67 22.73
N LEU B 118 -2.95 15.12 23.00
CA LEU B 118 -3.35 16.53 22.75
C LEU B 118 -2.51 17.48 23.62
N GLN B 119 -2.27 17.06 24.89
CA GLN B 119 -1.42 17.84 25.78
C GLN B 119 0.01 17.95 25.32
N LYS B 120 0.57 16.85 24.81
CA LYS B 120 1.90 16.89 24.28
C LYS B 120 2.04 17.68 22.97
N ILE B 121 1.07 17.54 22.06
CA ILE B 121 1.18 18.39 20.87
C ILE B 121 0.80 19.85 21.06
N ASN B 122 0.36 20.20 22.27
CA ASN B 122 0.06 21.61 22.58
C ASN B 122 1.34 22.31 22.78
N GLU B 123 2.35 21.53 23.05
CA GLU B 123 3.68 22.01 22.96
C GLU B 123 4.51 21.72 21.64
N LEU B 124 3.78 21.59 20.51
CA LEU B 124 4.35 21.44 19.17
C LEU B 124 5.19 22.67 18.89
N PRO B 125 6.48 22.50 18.60
CA PRO B 125 7.25 23.73 18.40
C PRO B 125 6.62 24.50 17.26
CAU 559 C . 4.30 -11.80 -29.07
CAT 559 C . 3.39 -12.24 -30.00
CAS 559 C . 2.05 -12.26 -29.70
NBA 559 C . 1.24 -12.65 -30.65
NAR 559 C . 1.60 -11.87 -28.51
CAQ 559 C . 2.51 -11.40 -27.50
CAO 559 C . 3.89 -11.35 -27.80
CAM 559 C . 4.87 -10.90 -26.77
CAN 559 C . 6.04 -10.33 -27.22
CAC 559 C . 7.00 -9.81 -26.32
CAL 559 C . 4.59 -11.00 -25.44
CAK 559 C . 5.51 -10.51 -24.50
CAB 559 C . 6.73 -9.93 -24.94
NAA 559 C . 7.66 -9.49 -23.98
CAJ 559 C . 7.54 -8.82 -22.84
CBC 559 C . 6.23 -8.31 -22.32
NAI 559 C . 8.69 -8.65 -22.29
NAH 559 C . 9.68 -9.31 -23.11
CAG 559 C . 9.00 -9.81 -24.14
CAF 559 C . 9.71 -10.57 -25.18
CBB 559 C . 9.21 -11.99 -25.14
CAE 559 C . 9.53 -9.90 -26.53
NAD 559 C . 8.20 -9.26 -26.81
CAP 559 C . 8.15 -8.37 -27.84
CAV 559 C . 7.03 -7.56 -28.05
CAW 559 C . 6.94 -6.57 -29.00
CAX 559 C . 8.01 -6.36 -29.82
CLB 559 C . 8.04 -5.17 -31.04
CAY 559 C . 9.17 -7.21 -29.68
CAZ 559 C . 9.27 -8.17 -28.71
CAU 559 D . -5.21 -8.30 22.97
CAT 559 D . -4.45 -9.29 23.53
CAS 559 D . -3.13 -9.27 23.38
NBA 559 D . -2.38 -10.24 23.95
NAR 559 D . -2.58 -8.31 22.70
CAQ 559 D . -3.31 -7.25 22.03
CAO 559 D . -4.71 -7.26 22.21
CAM 559 D . -5.58 -6.20 21.70
CAN 559 D . -6.81 -5.94 22.35
CAC 559 D . -7.64 -4.89 21.93
CAL 559 D . -5.29 -5.48 20.55
CAK 559 D . -6.12 -4.50 20.08
CAB 559 D . -7.31 -4.22 20.75
NAA 559 D . -8.17 -3.20 20.28
CAJ 559 D . -7.94 -1.97 19.82
CBC 559 D . -6.58 -1.29 19.71
NAI 559 D . -9.02 -1.35 19.50
NAH 559 D . -10.10 -2.30 19.74
CAG 559 D . -9.57 -3.38 20.19
CAF 559 D . -10.28 -4.62 20.59
CBB 559 D . -9.88 -5.80 19.65
CAE 559 D . -10.12 -4.89 22.09
NAD 559 D . -8.78 -4.63 22.63
CAP 559 D . -8.70 -4.51 24.07
CAV 559 D . -9.82 -4.75 24.90
CAW 559 D . -9.70 -4.61 26.27
CAX 559 D . -8.56 -4.10 26.84
CLB 559 D . -8.45 -3.88 28.52
CAY 559 D . -7.44 -3.91 26.04
CAZ 559 D . -7.51 -4.08 24.64
#